data_5WSY
#
_entry.id   5WSY
#
_cell.length_a   110.495
_cell.length_b   118.313
_cell.length_c   71.423
_cell.angle_alpha   90.00
_cell.angle_beta   90.00
_cell.angle_gamma   90.00
#
_symmetry.space_group_name_H-M   'C 2 2 21'
#
loop_
_entity.id
_entity.type
_entity.pdbx_description
1 polymer 'Uncharacterized protein'
2 non-polymer '(3~{R})-3-(2-hydroxy-2-oxoethylamino)butanoic acid'
3 water water
#
_entity_poly.entity_id   1
_entity_poly.type   'polypeptide(L)'
_entity_poly.pdbx_seq_one_letter_code
;HMTTAQHPTDEDLLARVLVPYKDHCKYLRSAVVTESDTGRAVARCEFAIPESCYIDDTGHLNSVEVNICYNQMMYYLVAK
SVKEGLLAGFESWTLDDFWKHQLPDILIARFASNFRRPVNPRAFSGEMEFQSVTRRAPAGGIPFLHAETAYRYWDADSGR
CDGEAVLAFVNIP
;
_entity_poly.pdbx_strand_id   A,B
#
loop_
_chem_comp.id
_chem_comp.type
_chem_comp.name
_chem_comp.formula
7UC non-polymer '(3~{R})-3-(2-hydroxy-2-oxoethylamino)butanoic acid' 'C6 H11 N O4'
#
# COMPACT_ATOMS: atom_id res chain seq x y z
N MET A 2 19.70 25.03 -2.02
CA MET A 2 20.18 25.48 -0.66
C MET A 2 19.64 26.82 -0.33
N THR A 3 19.78 27.71 -1.30
CA THR A 3 19.42 29.09 -1.16
C THR A 3 17.94 29.36 -1.43
N THR A 4 17.32 28.51 -2.24
CA THR A 4 15.98 28.87 -2.72
C THR A 4 15.03 28.93 -1.52
N ALA A 5 14.01 29.78 -1.60
CA ALA A 5 13.11 29.96 -0.47
C ALA A 5 12.25 28.69 -0.26
N GLN A 6 11.90 28.46 0.97
CA GLN A 6 11.07 27.30 1.27
C GLN A 6 9.63 27.81 1.28
N HIS A 7 8.71 27.03 0.76
CA HIS A 7 7.29 27.40 0.80
C HIS A 7 6.65 26.76 2.00
N PRO A 8 6.10 27.57 2.91
CA PRO A 8 5.41 26.95 4.04
C PRO A 8 4.17 26.21 3.55
N THR A 9 3.52 25.43 4.43
CA THR A 9 2.29 24.69 4.01
C THR A 9 1.32 25.66 3.40
N ASP A 10 0.79 25.35 2.22
CA ASP A 10 -0.21 26.24 1.62
C ASP A 10 -1.53 25.61 2.01
N GLU A 11 -2.13 26.12 3.09
CA GLU A 11 -3.27 25.44 3.71
C GLU A 11 -4.48 25.31 2.79
N ASP A 12 -4.75 26.34 1.99
CA ASP A 12 -5.90 26.27 1.06
C ASP A 12 -5.67 25.28 -0.07
N LEU A 13 -4.44 25.24 -0.58
CA LEU A 13 -4.10 24.24 -1.59
C LEU A 13 -4.16 22.82 -1.01
N LEU A 14 -3.55 22.62 0.14
CA LEU A 14 -3.61 21.35 0.80
C LEU A 14 -5.04 20.86 1.03
N ALA A 15 -5.91 21.70 1.59
CA ALA A 15 -7.28 21.23 1.79
C ALA A 15 -7.93 20.85 0.48
N ARG A 16 -7.64 21.58 -0.60
CA ARG A 16 -8.24 21.25 -1.88
C ARG A 16 -7.67 19.94 -2.44
N VAL A 17 -6.36 19.71 -2.27
CA VAL A 17 -5.72 18.48 -2.73
C VAL A 17 -6.37 17.29 -2.01
N LEU A 18 -6.77 17.51 -0.77
CA LEU A 18 -7.35 16.44 0.04
C LEU A 18 -8.84 16.19 -0.13
N VAL A 19 -9.53 17.05 -0.84
CA VAL A 19 -10.97 16.85 -1.07
C VAL A 19 -11.36 15.45 -1.53
N PRO A 20 -10.59 14.82 -2.43
CA PRO A 20 -11.14 13.56 -2.87
C PRO A 20 -11.02 12.45 -1.82
N TYR A 21 -10.19 12.67 -0.84
CA TYR A 21 -10.02 11.70 0.24
C TYR A 21 -11.23 11.80 1.18
N LYS A 22 -11.65 10.68 1.74
CA LYS A 22 -12.76 10.70 2.72
C LYS A 22 -12.38 11.49 4.03
N ASP A 23 -13.39 12.00 4.74
CA ASP A 23 -13.18 12.93 5.89
C ASP A 23 -12.26 12.36 6.97
N HIS A 24 -12.35 11.03 7.18
CA HIS A 24 -11.50 10.42 8.22
C HIS A 24 -10.11 9.97 7.69
N CYS A 25 -9.79 10.31 6.42
CA CYS A 25 -8.56 9.79 5.79
C CYS A 25 -7.61 10.86 5.35
N LYS A 26 -7.72 12.02 5.97
CA LYS A 26 -6.82 13.12 5.67
C LYS A 26 -5.64 13.14 6.66
N TYR A 27 -4.54 12.51 6.24
CA TYR A 27 -3.41 12.26 7.14
C TYR A 27 -2.30 13.28 7.04
N LEU A 28 -2.12 13.83 5.83
CA LEU A 28 -1.17 14.87 5.60
C LEU A 28 -1.54 16.17 6.27
N ARG A 29 -0.73 16.60 7.25
CA ARG A 29 -1.08 17.76 8.03
C ARG A 29 -0.18 18.95 7.70
N SER A 30 1.03 18.75 7.19
CA SER A 30 1.80 19.93 6.81
C SER A 30 2.83 19.51 5.81
N ALA A 31 3.23 20.43 4.97
CA ALA A 31 4.07 20.07 3.89
C ALA A 31 4.86 21.29 3.44
N VAL A 32 6.16 21.30 3.68
CA VAL A 32 7.02 22.41 3.26
C VAL A 32 7.71 21.99 1.98
N VAL A 33 7.64 22.85 0.96
CA VAL A 33 8.14 22.55 -0.36
C VAL A 33 9.36 23.41 -0.72
N THR A 34 10.38 22.78 -1.28
CA THR A 34 11.61 23.46 -1.67
C THR A 34 12.08 22.89 -3.03
N GLU A 35 12.88 23.64 -3.78
CA GLU A 35 13.44 23.16 -5.07
C GLU A 35 14.83 22.64 -4.74
N SER A 36 15.30 21.55 -5.35
CA SER A 36 16.66 21.01 -5.09
C SER A 36 17.60 20.78 -6.30
N ALA A 41 12.28 18.97 -7.06
CA ALA A 41 11.42 19.43 -5.94
C ALA A 41 11.19 18.43 -4.78
N VAL A 42 11.10 18.95 -3.58
CA VAL A 42 11.09 18.14 -2.35
C VAL A 42 9.97 18.65 -1.43
N ALA A 43 9.32 17.72 -0.73
CA ALA A 43 8.33 18.08 0.28
C ALA A 43 8.71 17.42 1.55
N ARG A 44 8.62 18.17 2.63
CA ARG A 44 8.93 17.70 3.97
C ARG A 44 7.64 17.89 4.77
N CYS A 45 7.14 16.76 5.30
CA CYS A 45 5.77 16.64 5.75
C CYS A 45 5.62 16.03 7.14
N GLU A 46 4.47 16.31 7.77
CA GLU A 46 4.01 15.70 9.01
C GLU A 46 2.65 15.10 8.75
N PHE A 47 2.39 13.98 9.42
CA PHE A 47 1.25 13.15 9.22
C PHE A 47 0.67 12.75 10.59
N ALA A 48 -0.63 12.44 10.58
CA ALA A 48 -1.28 11.84 11.74
C ALA A 48 -2.42 10.94 11.33
N ILE A 49 -2.38 9.68 11.82
CA ILE A 49 -3.48 8.73 11.62
C ILE A 49 -4.09 8.36 12.99
N PRO A 50 -5.19 9.01 13.38
CA PRO A 50 -5.69 8.75 14.71
C PRO A 50 -6.35 7.41 14.74
N GLU A 51 -6.85 6.94 13.60
CA GLU A 51 -7.33 5.55 13.50
C GLU A 51 -7.43 5.14 12.04
N SER A 52 -7.37 3.85 11.76
CA SER A 52 -7.19 3.38 10.40
C SER A 52 -8.53 3.44 9.67
N CYS A 53 -8.54 3.56 8.36
CA CYS A 53 -9.81 3.67 7.66
C CYS A 53 -10.34 2.35 7.19
N TYR A 54 -9.53 1.29 7.20
CA TYR A 54 -9.96 0.04 6.58
C TYR A 54 -9.88 -1.15 7.56
N ILE A 55 -9.22 -0.98 8.71
CA ILE A 55 -9.00 -2.11 9.57
C ILE A 55 -8.91 -1.61 10.98
N ASP A 56 -9.22 -2.47 11.95
CA ASP A 56 -8.91 -2.21 13.34
C ASP A 56 -7.43 -1.97 13.59
N ASP A 57 -7.14 -1.27 14.67
CA ASP A 57 -5.77 -0.86 14.95
C ASP A 57 -4.83 -2.02 15.07
N THR A 58 -3.74 -1.99 14.32
CA THR A 58 -2.73 -3.05 14.41
C THR A 58 -1.60 -2.64 15.40
N GLY A 59 -1.44 -1.33 15.69
CA GLY A 59 -0.36 -0.89 16.58
C GLY A 59 0.85 -0.31 15.86
N HIS A 60 0.88 -0.28 14.54
CA HIS A 60 2.00 0.25 13.82
C HIS A 60 1.44 0.80 12.51
N LEU A 61 2.17 1.70 11.90
CA LEU A 61 1.80 2.25 10.59
C LEU A 61 1.88 1.10 9.59
N ASN A 62 0.78 0.81 8.89
CA ASN A 62 0.75 -0.32 8.01
C ASN A 62 1.26 0.11 6.63
N SER A 63 1.73 -0.86 5.86
CA SER A 63 2.16 -0.66 4.44
C SER A 63 1.10 0.06 3.65
N VAL A 64 -0.17 -0.28 3.89
CA VAL A 64 -1.26 0.38 3.20
C VAL A 64 -1.22 1.92 3.46
N GLU A 65 -0.99 2.29 4.72
CA GLU A 65 -1.04 3.67 5.14
C GLU A 65 0.20 4.46 4.68
N VAL A 66 1.34 3.79 4.64
CA VAL A 66 2.54 4.35 4.01
C VAL A 66 2.19 4.86 2.56
N ASN A 67 1.41 4.03 1.86
CA ASN A 67 1.06 4.23 0.46
C ASN A 67 0.02 5.38 0.39
N ILE A 68 -0.99 5.40 1.26
CA ILE A 68 -1.99 6.47 1.26
C ILE A 68 -1.27 7.79 1.51
N CYS A 69 -0.41 7.80 2.50
CA CYS A 69 0.27 9.04 2.89
C CYS A 69 1.18 9.52 1.78
N TYR A 70 1.86 8.60 1.10
CA TYR A 70 2.68 8.91 -0.05
C TYR A 70 1.84 9.56 -1.08
N ASN A 71 0.66 9.00 -1.33
CA ASN A 71 -0.16 9.61 -2.40
C ASN A 71 -0.57 11.08 -2.06
N GLN A 72 -0.90 11.32 -0.78
CA GLN A 72 -1.28 12.63 -0.36
C GLN A 72 -0.09 13.60 -0.51
N MET A 73 1.07 13.22 0.03
CA MET A 73 2.29 14.00 -0.10
C MET A 73 2.63 14.29 -1.54
N MET A 74 2.58 13.26 -2.37
CA MET A 74 2.89 13.40 -3.78
C MET A 74 1.93 14.34 -4.54
N TYR A 75 0.64 14.18 -4.29
CA TYR A 75 -0.34 15.09 -4.92
C TYR A 75 -0.11 16.53 -4.50
N TYR A 76 0.18 16.73 -3.23
CA TYR A 76 0.42 18.11 -2.73
C TYR A 76 1.69 18.69 -3.33
N LEU A 77 2.74 17.87 -3.44
CA LEU A 77 4.05 18.34 -4.03
C LEU A 77 3.88 18.71 -5.49
N VAL A 78 3.16 17.91 -6.23
CA VAL A 78 2.85 18.26 -7.62
C VAL A 78 2.00 19.53 -7.72
N ALA A 79 0.92 19.61 -6.93
CA ALA A 79 0.02 20.76 -7.00
C ALA A 79 0.81 22.01 -6.67
N LYS A 80 1.57 21.96 -5.61
CA LYS A 80 2.33 23.13 -5.15
C LYS A 80 3.38 23.51 -6.13
N SER A 81 3.98 22.50 -6.74
CA SER A 81 5.03 22.74 -7.75
C SER A 81 4.40 23.38 -8.99
N VAL A 82 3.25 22.88 -9.43
CA VAL A 82 2.47 23.55 -10.48
C VAL A 82 2.17 24.99 -10.15
N LYS A 83 1.62 25.24 -8.96
CA LYS A 83 1.30 26.61 -8.59
C LYS A 83 2.54 27.48 -8.62
N GLU A 84 3.67 26.96 -8.14
CA GLU A 84 4.85 27.81 -8.00
C GLU A 84 5.88 27.72 -9.12
N GLY A 85 5.67 26.88 -10.13
CA GLY A 85 6.64 26.68 -11.23
C GLY A 85 7.94 25.94 -10.88
N LEU A 86 7.85 24.85 -10.10
CA LEU A 86 9.02 24.21 -9.52
C LEU A 86 9.47 22.93 -10.17
N LEU A 87 8.66 22.38 -11.08
CA LEU A 87 8.96 21.04 -11.61
C LEU A 87 9.03 21.10 -13.11
N ALA A 88 10.18 20.82 -13.67
CA ALA A 88 10.31 20.80 -15.11
C ALA A 88 9.48 19.61 -15.62
N GLY A 89 8.91 19.75 -16.80
CA GLY A 89 7.91 18.80 -17.29
C GLY A 89 6.48 19.30 -17.10
N PHE A 90 6.26 20.13 -16.08
CA PHE A 90 4.92 20.59 -15.71
C PHE A 90 4.76 22.08 -15.98
N GLU A 91 5.73 22.67 -16.70
CA GLU A 91 5.72 24.11 -17.02
C GLU A 91 4.41 24.56 -17.61
N SER A 92 3.83 23.76 -18.49
CA SER A 92 2.57 24.14 -19.13
C SER A 92 1.28 23.91 -18.27
N TRP A 93 1.41 23.27 -17.10
CA TRP A 93 0.22 22.95 -16.38
C TRP A 93 -0.27 24.15 -15.59
N THR A 94 -1.59 24.27 -15.46
CA THR A 94 -2.19 25.16 -14.46
C THR A 94 -2.77 24.31 -13.33
N LEU A 95 -3.09 24.91 -12.18
CA LEU A 95 -3.87 24.17 -11.19
C LEU A 95 -5.15 23.55 -11.75
N ASP A 96 -5.84 24.24 -12.66
CA ASP A 96 -7.07 23.67 -13.25
C ASP A 96 -6.78 22.38 -14.00
N ASP A 97 -5.64 22.32 -14.68
CA ASP A 97 -5.19 21.03 -15.26
C ASP A 97 -4.96 20.03 -14.16
N PHE A 98 -4.28 20.44 -13.10
CA PHE A 98 -4.07 19.47 -12.01
C PHE A 98 -5.36 18.84 -11.47
N TRP A 99 -6.36 19.68 -11.17
CA TRP A 99 -7.63 19.19 -10.61
C TRP A 99 -8.29 18.19 -11.58
N LYS A 100 -8.23 18.44 -12.87
CA LYS A 100 -8.75 17.51 -13.89
C LYS A 100 -7.96 16.18 -13.97
N HIS A 101 -6.65 16.23 -13.86
CA HIS A 101 -5.87 15.01 -13.95
C HIS A 101 -5.71 14.22 -12.64
N GLN A 102 -5.94 14.88 -11.52
CA GLN A 102 -5.51 14.35 -10.22
C GLN A 102 -5.88 12.88 -10.04
N LEU A 103 -7.16 12.60 -10.17
CA LEU A 103 -7.60 11.23 -9.90
C LEU A 103 -7.35 10.26 -11.10
N PRO A 104 -7.87 10.59 -12.29
CA PRO A 104 -7.80 9.55 -13.38
C PRO A 104 -6.48 9.44 -14.09
N ASP A 105 -5.59 10.44 -14.02
CA ASP A 105 -4.51 10.57 -14.98
C ASP A 105 -3.18 10.63 -14.30
N ILE A 106 -3.16 10.43 -13.00
CA ILE A 106 -1.90 10.34 -12.25
C ILE A 106 -1.86 8.95 -11.70
N LEU A 107 -0.94 8.15 -12.24
CA LEU A 107 -0.90 6.74 -11.93
C LEU A 107 0.42 6.38 -11.27
N ILE A 108 0.38 5.35 -10.47
CA ILE A 108 1.60 4.70 -9.95
C ILE A 108 1.93 3.52 -10.84
N ALA A 109 3.12 3.55 -11.40
CA ALA A 109 3.60 2.47 -12.25
C ALA A 109 4.26 1.41 -11.36
N ARG A 110 5.00 1.88 -10.35
CA ARG A 110 5.67 1.01 -9.43
C ARG A 110 5.73 1.65 -8.02
N PHE A 111 5.52 0.85 -6.98
CA PHE A 111 5.62 1.31 -5.58
C PHE A 111 6.43 0.28 -4.74
N ALA A 112 7.31 0.77 -3.89
CA ALA A 112 8.05 -0.10 -2.98
C ALA A 112 8.09 0.63 -1.63
N SER A 113 7.99 -0.13 -0.58
CA SER A 113 8.20 0.30 0.78
C SER A 113 9.07 -0.76 1.51
N ASN A 114 9.91 -0.25 2.40
CA ASN A 114 10.78 -1.04 3.31
C ASN A 114 10.70 -0.55 4.72
N PHE A 115 10.24 -1.40 5.61
CA PHE A 115 10.00 -1.03 6.98
C PHE A 115 11.18 -1.49 7.79
N ARG A 116 11.98 -0.55 8.22
CA ARG A 116 13.18 -0.85 8.92
C ARG A 116 12.82 -1.06 10.36
N ARG A 117 11.96 -0.19 10.83
CA ARG A 117 11.59 -0.14 12.22
C ARG A 117 10.12 0.30 12.23
N PRO A 118 9.23 -0.44 12.87
CA PRO A 118 7.83 0.02 12.80
C PRO A 118 7.64 1.47 13.27
N VAL A 119 6.79 2.21 12.55
CA VAL A 119 6.58 3.63 12.77
C VAL A 119 5.29 3.88 13.56
N ASN A 120 5.30 4.85 14.44
CA ASN A 120 4.08 5.33 15.10
C ASN A 120 3.05 6.06 14.20
N PRO A 121 1.86 5.47 14.01
CA PRO A 121 0.88 6.03 13.07
C PRO A 121 0.21 7.31 13.59
N ARG A 122 0.27 7.52 14.89
CA ARG A 122 -0.41 8.66 15.52
C ARG A 122 0.23 10.03 15.21
N ALA A 123 1.56 10.04 15.03
CA ALA A 123 2.37 11.24 14.72
C ALA A 123 3.69 10.75 14.07
N PHE A 124 3.92 11.19 12.86
CA PHE A 124 5.13 10.86 12.18
C PHE A 124 5.39 11.86 11.07
N SER A 125 6.62 11.82 10.60
CA SER A 125 7.16 12.70 9.60
C SER A 125 7.49 11.95 8.33
N GLY A 126 7.60 12.67 7.22
CA GLY A 126 8.04 12.07 5.98
C GLY A 126 8.68 13.10 5.04
N GLU A 127 9.26 12.59 3.97
CA GLU A 127 9.82 13.46 2.95
C GLU A 127 9.75 12.73 1.64
N MET A 128 9.70 13.45 0.51
CA MET A 128 9.87 12.83 -0.77
C MET A 128 10.53 13.82 -1.69
N GLU A 129 11.06 13.26 -2.77
CA GLU A 129 11.71 14.01 -3.75
C GLU A 129 11.34 13.47 -5.13
N PHE A 130 11.16 14.41 -6.07
CA PHE A 130 11.15 14.09 -7.48
C PHE A 130 12.58 14.01 -8.04
N GLN A 131 13.03 12.82 -8.43
CA GLN A 131 14.38 12.62 -8.92
C GLN A 131 14.51 12.84 -10.41
N SER A 132 13.49 12.50 -11.18
CA SER A 132 13.55 12.74 -12.60
C SER A 132 12.14 12.79 -13.10
N VAL A 133 11.97 13.59 -14.11
CA VAL A 133 10.76 13.69 -14.88
C VAL A 133 11.18 13.64 -16.36
N THR A 134 10.42 12.97 -17.20
CA THR A 134 10.85 12.66 -18.58
C THR A 134 9.57 12.43 -19.43
N ARG A 135 9.50 12.99 -20.63
CA ARG A 135 8.43 12.61 -21.58
C ARG A 135 8.80 11.28 -22.17
N ARG A 136 7.82 10.43 -22.42
CA ARG A 136 8.02 9.11 -23.02
C ARG A 136 6.90 8.83 -24.00
N ALA A 137 7.20 8.22 -25.16
CA ALA A 137 6.14 7.84 -26.14
C ALA A 137 5.83 6.35 -26.15
N PHE A 144 3.04 10.26 -22.41
CA PHE A 144 3.05 10.59 -20.99
C PHE A 144 4.35 11.15 -20.35
N LEU A 145 4.21 11.74 -19.14
CA LEU A 145 5.35 12.11 -18.25
C LEU A 145 5.70 11.00 -17.27
N HIS A 146 6.97 10.61 -17.26
CA HIS A 146 7.49 9.55 -16.39
C HIS A 146 8.30 10.17 -15.24
N ALA A 147 7.98 9.87 -13.99
CA ALA A 147 8.73 10.44 -12.87
C ALA A 147 9.21 9.36 -11.94
N GLU A 148 10.49 9.44 -11.56
CA GLU A 148 11.07 8.65 -10.51
C GLU A 148 11.05 9.48 -9.24
N THR A 149 10.55 8.89 -8.15
CA THR A 149 10.50 9.58 -6.85
C THR A 149 11.00 8.63 -5.72
N ALA A 150 11.48 9.22 -4.65
CA ALA A 150 11.88 8.46 -3.47
C ALA A 150 11.27 9.14 -2.27
N TYR A 151 10.95 8.35 -1.23
CA TYR A 151 10.37 8.93 -0.02
C TYR A 151 10.94 8.19 1.17
N ARG A 152 10.73 8.77 2.34
CA ARG A 152 10.97 8.06 3.61
C ARG A 152 10.11 8.68 4.69
N TYR A 153 9.94 7.93 5.78
CA TYR A 153 9.09 8.33 6.94
C TYR A 153 9.90 8.05 8.19
N TRP A 154 9.65 8.80 9.22
CA TRP A 154 10.29 8.54 10.48
C TRP A 154 9.40 9.08 11.55
N ASP A 155 9.74 8.81 12.78
CA ASP A 155 8.96 9.34 13.85
C ASP A 155 9.81 9.88 14.97
N ALA A 156 9.17 10.28 16.05
CA ALA A 156 9.91 10.96 17.12
C ALA A 156 10.72 9.98 17.97
N ASP A 157 10.56 8.68 17.69
CA ASP A 157 11.35 7.63 18.33
C ASP A 157 12.36 7.06 17.35
N SER A 158 12.26 5.81 16.93
CA SER A 158 13.23 5.20 16.03
C SER A 158 12.56 4.54 14.86
N GLY A 159 11.31 4.94 14.58
CA GLY A 159 10.60 4.42 13.41
C GLY A 159 11.24 4.78 12.09
N ARG A 160 11.21 3.89 11.11
CA ARG A 160 11.86 4.21 9.83
C ARG A 160 11.30 3.34 8.75
N CYS A 161 10.79 3.98 7.70
CA CYS A 161 10.29 3.31 6.53
C CYS A 161 10.84 4.07 5.35
N ASP A 162 11.21 3.38 4.29
CA ASP A 162 11.60 4.11 3.10
C ASP A 162 11.24 3.36 1.82
N GLY A 163 11.28 4.09 0.73
CA GLY A 163 10.87 3.51 -0.52
C GLY A 163 10.95 4.41 -1.72
N GLU A 164 10.40 3.90 -2.81
CA GLU A 164 10.42 4.57 -4.07
C GLU A 164 9.10 4.36 -4.78
N ALA A 165 8.77 5.30 -5.66
CA ALA A 165 7.57 5.20 -6.48
C ALA A 165 7.84 5.82 -7.82
N VAL A 166 7.48 5.08 -8.87
CA VAL A 166 7.52 5.56 -10.23
C VAL A 166 6.13 5.91 -10.69
N LEU A 167 5.98 7.11 -11.24
CA LEU A 167 4.69 7.64 -11.55
C LEU A 167 4.52 7.84 -13.04
N ALA A 168 3.28 7.83 -13.50
CA ALA A 168 2.96 8.23 -14.86
C ALA A 168 1.86 9.28 -14.84
N PHE A 169 2.09 10.38 -15.59
CA PHE A 169 1.13 11.47 -15.69
C PHE A 169 0.68 11.48 -17.12
N VAL A 170 -0.58 11.14 -17.34
CA VAL A 170 -1.03 10.82 -18.68
C VAL A 170 -2.03 11.84 -19.12
N ASN A 171 -2.39 11.71 -20.39
CA ASN A 171 -3.36 12.58 -20.99
C ASN A 171 -2.95 14.06 -20.86
N ILE A 172 -1.66 14.33 -20.93
CA ILE A 172 -1.12 15.70 -20.96
C ILE A 172 -1.38 16.35 -22.34
N THR B 3 -4.13 -34.42 -9.00
CA THR B 3 -3.32 -35.07 -7.88
C THR B 3 -2.66 -34.10 -6.94
N THR B 4 -2.81 -32.80 -7.19
CA THR B 4 -2.42 -31.78 -6.24
C THR B 4 -3.66 -31.50 -5.30
N ALA B 5 -3.51 -31.58 -3.98
CA ALA B 5 -4.62 -31.30 -3.08
C ALA B 5 -5.02 -29.79 -3.14
N GLN B 6 -6.32 -29.53 -3.26
CA GLN B 6 -6.83 -28.13 -3.27
C GLN B 6 -7.99 -28.03 -2.32
N HIS B 7 -8.16 -26.84 -1.79
CA HIS B 7 -9.30 -26.52 -0.92
C HIS B 7 -10.16 -25.40 -1.50
N PRO B 8 -11.44 -25.63 -1.66
CA PRO B 8 -12.28 -24.53 -2.05
C PRO B 8 -12.36 -23.45 -0.95
N THR B 9 -12.95 -22.30 -1.29
CA THR B 9 -13.10 -21.25 -0.31
C THR B 9 -13.72 -21.78 0.97
N ASP B 10 -13.10 -21.52 2.11
CA ASP B 10 -13.69 -21.96 3.39
C ASP B 10 -14.44 -20.73 3.88
N GLU B 11 -15.77 -20.65 3.69
CA GLU B 11 -16.48 -19.41 3.86
C GLU B 11 -16.51 -18.94 5.27
N ASP B 12 -16.65 -19.90 6.18
CA ASP B 12 -16.62 -19.62 7.62
C ASP B 12 -15.30 -19.02 8.06
N LEU B 13 -14.21 -19.61 7.62
CA LEU B 13 -12.88 -19.11 7.92
C LEU B 13 -12.67 -17.72 7.29
N LEU B 14 -13.04 -17.58 6.03
CA LEU B 14 -12.96 -16.27 5.37
C LEU B 14 -13.66 -15.10 6.15
N ALA B 15 -14.91 -15.32 6.55
CA ALA B 15 -15.64 -14.27 7.31
C ALA B 15 -14.83 -13.93 8.57
N ARG B 16 -14.33 -14.97 9.21
CA ARG B 16 -13.60 -14.73 10.47
C ARG B 16 -12.26 -14.04 10.21
N VAL B 17 -11.55 -14.48 9.20
CA VAL B 17 -10.30 -13.76 8.78
C VAL B 17 -10.51 -12.26 8.53
N LEU B 18 -11.65 -11.95 7.90
CA LEU B 18 -11.97 -10.59 7.54
C LEU B 18 -12.59 -9.74 8.69
N VAL B 19 -12.79 -10.30 9.87
CA VAL B 19 -13.36 -9.55 11.02
C VAL B 19 -12.68 -8.16 11.23
N PRO B 20 -11.35 -8.08 11.13
CA PRO B 20 -10.78 -6.79 11.56
C PRO B 20 -11.01 -5.71 10.54
N TYR B 21 -11.33 -6.12 9.32
CA TYR B 21 -11.54 -5.17 8.21
C TYR B 21 -12.97 -4.56 8.36
N LYS B 22 -13.08 -3.30 7.98
CA LYS B 22 -14.37 -2.64 8.02
C LYS B 22 -15.32 -3.27 7.05
N ASP B 23 -16.62 -3.17 7.41
CA ASP B 23 -17.75 -3.75 6.67
C ASP B 23 -17.72 -3.43 5.17
N HIS B 24 -17.27 -2.23 4.83
CA HIS B 24 -17.26 -1.80 3.44
C HIS B 24 -15.91 -2.09 2.78
N CYS B 25 -15.03 -2.79 3.49
CA CYS B 25 -13.70 -3.09 3.00
C CYS B 25 -13.43 -4.58 2.81
N LYS B 26 -14.44 -5.40 2.61
CA LYS B 26 -14.21 -6.82 2.44
C LYS B 26 -14.06 -7.18 0.98
N TYR B 27 -12.83 -7.09 0.45
CA TYR B 27 -12.62 -7.19 -0.99
C TYR B 27 -12.41 -8.61 -1.50
N LEU B 28 -11.86 -9.45 -0.65
CA LEU B 28 -11.49 -10.81 -1.00
C LEU B 28 -12.77 -11.60 -1.07
N ARG B 29 -13.13 -12.13 -2.25
CA ARG B 29 -14.42 -12.85 -2.35
C ARG B 29 -14.30 -14.32 -2.33
N SER B 30 -13.22 -14.87 -2.85
CA SER B 30 -13.07 -16.34 -2.90
C SER B 30 -11.61 -16.62 -2.88
N ALA B 31 -11.26 -17.82 -2.42
CA ALA B 31 -9.89 -18.16 -2.30
C ALA B 31 -9.70 -19.68 -2.27
N VAL B 32 -9.18 -20.21 -3.36
CA VAL B 32 -8.87 -21.65 -3.48
C VAL B 32 -7.42 -21.84 -3.12
N VAL B 33 -7.16 -22.68 -2.12
CA VAL B 33 -5.82 -22.88 -1.63
C VAL B 33 -5.32 -24.25 -2.10
N THR B 34 -4.11 -24.25 -2.65
CA THR B 34 -3.47 -25.46 -3.26
C THR B 34 -2.19 -25.76 -2.44
N GLU B 35 -2.03 -27.01 -2.05
CA GLU B 35 -0.98 -27.45 -1.07
C GLU B 35 0.37 -27.58 -1.73
N GLY B 39 6.82 -27.62 0.97
CA GLY B 39 5.48 -27.44 1.55
C GLY B 39 5.07 -25.97 1.68
N ARG B 40 4.84 -25.32 0.53
CA ARG B 40 4.64 -23.89 0.47
C ARG B 40 3.43 -23.47 -0.44
N ALA B 41 2.40 -23.04 0.24
CA ALA B 41 1.06 -23.06 -0.30
C ALA B 41 0.77 -21.84 -1.16
N VAL B 42 -0.28 -22.01 -1.95
CA VAL B 42 -0.71 -21.02 -2.93
C VAL B 42 -2.19 -20.72 -2.73
N ALA B 43 -2.59 -19.45 -2.96
CA ALA B 43 -3.97 -19.05 -2.97
C ALA B 43 -4.35 -18.40 -4.31
N ARG B 44 -5.49 -18.81 -4.87
CA ARG B 44 -6.01 -18.30 -6.11
C ARG B 44 -7.37 -17.69 -5.84
N CYS B 45 -7.48 -16.37 -6.08
CA CYS B 45 -8.52 -15.55 -5.49
C CYS B 45 -9.23 -14.65 -6.49
N GLU B 46 -10.44 -14.27 -6.13
CA GLU B 46 -11.24 -13.30 -6.79
C GLU B 46 -11.55 -12.15 -5.79
N PHE B 47 -11.55 -10.93 -6.34
CA PHE B 47 -11.71 -9.67 -5.59
C PHE B 47 -12.74 -8.72 -6.24
N ALA B 48 -13.26 -7.83 -5.42
CA ALA B 48 -14.16 -6.83 -5.91
C ALA B 48 -14.19 -5.62 -4.98
N ILE B 49 -14.02 -4.46 -5.56
CA ILE B 49 -14.03 -3.21 -4.85
C ILE B 49 -15.12 -2.32 -5.49
N PRO B 50 -16.30 -2.25 -4.89
CA PRO B 50 -17.40 -1.51 -5.61
C PRO B 50 -17.22 -0.01 -5.42
N GLU B 51 -16.51 0.37 -4.35
CA GLU B 51 -16.02 1.72 -4.19
C GLU B 51 -14.91 1.74 -3.20
N SER B 52 -14.04 2.73 -3.35
CA SER B 52 -12.84 2.79 -2.56
C SER B 52 -13.16 3.21 -1.11
N CYS B 53 -12.33 2.82 -0.14
CA CYS B 53 -12.60 3.16 1.25
C CYS B 53 -12.00 4.47 1.69
N TYR B 54 -11.08 5.02 0.90
CA TYR B 54 -10.30 6.18 1.36
C TYR B 54 -10.31 7.39 0.42
N ILE B 55 -10.82 7.22 -0.79
CA ILE B 55 -10.71 8.20 -1.88
C ILE B 55 -11.90 8.06 -2.81
N ASP B 56 -12.31 9.13 -3.44
CA ASP B 56 -13.26 9.09 -4.55
C ASP B 56 -12.69 8.19 -5.62
N ASP B 57 -13.58 7.66 -6.45
CA ASP B 57 -13.22 6.73 -7.53
C ASP B 57 -12.12 7.31 -8.47
N THR B 58 -11.02 6.58 -8.64
CA THR B 58 -10.01 6.95 -9.63
C THR B 58 -10.25 6.40 -11.02
N GLY B 59 -11.02 5.33 -11.09
CA GLY B 59 -11.27 4.61 -12.34
C GLY B 59 -10.36 3.38 -12.50
N HIS B 60 -9.39 3.16 -11.61
CA HIS B 60 -8.48 1.99 -11.73
C HIS B 60 -8.18 1.51 -10.33
N LEU B 61 -7.69 0.29 -10.24
CA LEU B 61 -7.22 -0.29 -8.99
C LEU B 61 -5.96 0.46 -8.54
N ASN B 62 -6.01 1.04 -7.36
CA ASN B 62 -4.89 1.86 -6.90
C ASN B 62 -3.90 0.99 -6.18
N SER B 63 -2.68 1.49 -6.12
CA SER B 63 -1.62 0.85 -5.41
C SER B 63 -2.02 0.48 -3.97
N VAL B 64 -2.72 1.38 -3.29
CA VAL B 64 -3.17 1.19 -1.95
C VAL B 64 -4.01 -0.09 -1.84
N GLU B 65 -4.90 -0.26 -2.82
CA GLU B 65 -5.87 -1.37 -2.85
C GLU B 65 -5.22 -2.70 -3.18
N VAL B 66 -4.21 -2.66 -4.03
CA VAL B 66 -3.35 -3.85 -4.31
C VAL B 66 -2.82 -4.40 -3.01
N ASN B 67 -2.44 -3.49 -2.13
CA ASN B 67 -1.84 -3.81 -0.82
C ASN B 67 -2.90 -4.30 0.15
N ILE B 68 -4.07 -3.69 0.14
CA ILE B 68 -5.15 -4.13 1.08
C ILE B 68 -5.55 -5.52 0.67
N CYS B 69 -5.70 -5.73 -0.64
CA CYS B 69 -6.13 -7.02 -1.11
C CYS B 69 -5.10 -8.12 -0.84
N TYR B 70 -3.84 -7.75 -0.92
CA TYR B 70 -2.77 -8.69 -0.65
C TYR B 70 -2.88 -9.14 0.81
N ASN B 71 -3.04 -8.16 1.70
CA ASN B 71 -3.18 -8.45 3.12
C ASN B 71 -4.29 -9.41 3.46
N GLN B 72 -5.43 -9.23 2.81
CA GLN B 72 -6.54 -10.14 2.97
C GLN B 72 -6.28 -11.53 2.48
N MET B 73 -5.71 -11.63 1.27
CA MET B 73 -5.40 -12.87 0.63
C MET B 73 -4.34 -13.58 1.51
N MET B 74 -3.35 -12.82 1.96
CA MET B 74 -2.27 -13.43 2.71
C MET B 74 -2.75 -13.94 4.05
N TYR B 75 -3.61 -13.17 4.71
CA TYR B 75 -4.18 -13.64 6.00
C TYR B 75 -5.00 -14.88 5.81
N TYR B 76 -5.76 -14.92 4.74
CA TYR B 76 -6.58 -16.11 4.45
C TYR B 76 -5.72 -17.33 4.17
N LEU B 77 -4.71 -17.16 3.32
CA LEU B 77 -3.79 -18.24 2.99
C LEU B 77 -3.11 -18.80 4.23
N VAL B 78 -2.61 -17.94 5.09
CA VAL B 78 -2.03 -18.36 6.37
C VAL B 78 -3.01 -19.10 7.27
N ALA B 79 -4.19 -18.53 7.51
CA ALA B 79 -5.25 -19.11 8.37
C ALA B 79 -5.63 -20.49 7.88
N LYS B 80 -5.84 -20.59 6.55
CA LYS B 80 -6.26 -21.86 5.97
C LYS B 80 -5.16 -22.88 5.99
N SER B 81 -3.95 -22.42 5.73
CA SER B 81 -2.77 -23.27 5.89
C SER B 81 -2.60 -23.79 7.31
N VAL B 82 -2.83 -22.94 8.30
CA VAL B 82 -2.71 -23.34 9.70
C VAL B 82 -3.82 -24.30 10.01
N LYS B 83 -5.01 -24.04 9.50
CA LYS B 83 -6.13 -24.95 9.70
C LYS B 83 -5.92 -26.33 9.08
N GLU B 84 -5.38 -26.41 7.88
CA GLU B 84 -5.26 -27.70 7.22
C GLU B 84 -3.83 -28.23 7.31
N GLY B 85 -2.92 -27.50 7.96
CA GLY B 85 -1.48 -27.92 8.09
C GLY B 85 -0.72 -27.88 6.78
N LEU B 86 -0.73 -26.77 6.04
CA LEU B 86 -0.18 -26.73 4.68
C LEU B 86 1.12 -25.96 4.50
N LEU B 87 1.58 -25.28 5.54
CA LEU B 87 2.61 -24.32 5.34
C LEU B 87 3.78 -24.68 6.20
N ALA B 88 4.89 -24.83 5.51
CA ALA B 88 6.13 -25.22 6.10
C ALA B 88 6.58 -24.09 7.00
N GLY B 89 6.95 -24.41 8.23
CA GLY B 89 7.29 -23.40 9.21
C GLY B 89 6.18 -23.05 10.18
N PHE B 90 4.92 -23.40 9.87
CA PHE B 90 3.79 -23.12 10.73
C PHE B 90 3.24 -24.35 11.41
N GLU B 91 4.01 -25.43 11.48
CA GLU B 91 3.50 -26.71 12.05
C GLU B 91 3.00 -26.62 13.49
N SER B 92 3.61 -25.77 14.28
CA SER B 92 3.24 -25.58 15.67
C SER B 92 2.04 -24.67 15.91
N TRP B 93 1.54 -24.00 14.89
CA TRP B 93 0.47 -23.04 15.10
C TRP B 93 -0.87 -23.71 15.18
N THR B 94 -1.78 -23.20 16.03
CA THR B 94 -3.21 -23.50 15.94
C THR B 94 -3.92 -22.29 15.43
N LEU B 95 -5.21 -22.43 15.04
CA LEU B 95 -5.98 -21.30 14.55
C LEU B 95 -6.09 -20.28 15.64
N ASP B 96 -6.13 -20.73 16.87
CA ASP B 96 -6.13 -19.78 17.98
C ASP B 96 -4.89 -18.91 18.06
N ASP B 97 -3.73 -19.47 17.77
CA ASP B 97 -2.50 -18.69 17.69
C ASP B 97 -2.67 -17.61 16.58
N PHE B 98 -3.20 -18.05 15.45
CA PHE B 98 -3.44 -17.11 14.34
C PHE B 98 -4.29 -15.92 14.71
N TRP B 99 -5.40 -16.13 15.44
CA TRP B 99 -6.28 -14.97 15.80
C TRP B 99 -5.56 -14.01 16.73
N LYS B 100 -4.70 -14.55 17.59
CA LYS B 100 -3.96 -13.71 18.51
C LYS B 100 -2.89 -12.89 17.77
N HIS B 101 -2.19 -13.51 16.86
CA HIS B 101 -1.10 -12.86 16.16
C HIS B 101 -1.50 -11.95 15.02
N GLN B 102 -2.70 -12.15 14.52
CA GLN B 102 -3.10 -11.64 13.18
C GLN B 102 -2.75 -10.14 13.01
N LEU B 103 -3.27 -9.31 13.86
CA LEU B 103 -3.07 -7.86 13.78
C LEU B 103 -1.73 -7.35 14.34
N PRO B 104 -1.40 -7.67 15.60
CA PRO B 104 -0.15 -7.05 16.12
C PRO B 104 1.13 -7.71 15.64
N ASP B 105 1.11 -8.98 15.26
CA ASP B 105 2.32 -9.76 15.11
C ASP B 105 2.60 -10.30 13.73
N ILE B 106 1.85 -9.84 12.74
CA ILE B 106 2.12 -10.20 11.36
C ILE B 106 2.46 -8.90 10.64
N LEU B 107 3.73 -8.74 10.27
CA LEU B 107 4.28 -7.47 9.79
C LEU B 107 4.75 -7.62 8.39
N ILE B 108 4.63 -6.55 7.62
CA ILE B 108 5.23 -6.44 6.30
C ILE B 108 6.55 -5.70 6.50
N ALA B 109 7.60 -6.40 6.09
CA ALA B 109 8.96 -5.86 6.13
C ALA B 109 9.25 -5.11 4.84
N ARG B 110 8.70 -5.62 3.76
CA ARG B 110 8.89 -5.02 2.49
C ARG B 110 7.71 -5.35 1.54
N PHE B 111 7.26 -4.34 0.79
CA PHE B 111 6.13 -4.48 -0.16
C PHE B 111 6.49 -3.86 -1.48
N ALA B 112 6.26 -4.56 -2.59
CA ALA B 112 6.45 -3.93 -3.91
C ALA B 112 5.26 -4.24 -4.75
N SER B 113 4.89 -3.27 -5.58
CA SER B 113 3.85 -3.45 -6.59
C SER B 113 4.36 -2.92 -7.95
N ASN B 114 4.00 -3.59 -9.03
CA ASN B 114 4.35 -3.14 -10.37
C ASN B 114 3.16 -3.27 -11.30
N PHE B 115 2.66 -2.16 -11.80
CA PHE B 115 1.49 -2.18 -12.67
C PHE B 115 1.93 -2.27 -14.09
N ARG B 116 1.57 -3.31 -14.79
CA ARG B 116 1.88 -3.34 -16.23
C ARG B 116 0.83 -2.58 -16.98
N ARG B 117 -0.41 -2.76 -16.57
CA ARG B 117 -1.52 -2.10 -17.16
C ARG B 117 -2.63 -1.93 -16.12
N PRO B 118 -3.36 -0.78 -16.13
CA PRO B 118 -4.35 -0.63 -15.10
C PRO B 118 -5.41 -1.76 -15.02
N VAL B 119 -5.79 -2.06 -13.78
CA VAL B 119 -6.72 -3.10 -13.45
C VAL B 119 -8.10 -2.53 -13.10
N ASN B 120 -9.12 -3.25 -13.50
CA ASN B 120 -10.49 -2.91 -13.19
C ASN B 120 -10.78 -3.28 -11.72
N PRO B 121 -11.00 -2.27 -10.81
CA PRO B 121 -11.18 -2.55 -9.34
C PRO B 121 -12.51 -3.21 -9.05
N ARG B 122 -13.45 -3.14 -9.99
CA ARG B 122 -14.77 -3.76 -9.79
C ARG B 122 -14.83 -5.29 -9.74
N ALA B 123 -13.98 -5.96 -10.51
CA ALA B 123 -13.94 -7.39 -10.57
C ALA B 123 -12.55 -7.73 -11.05
N PHE B 124 -11.76 -8.41 -10.23
CA PHE B 124 -10.44 -8.82 -10.64
C PHE B 124 -10.02 -10.08 -9.89
N SER B 125 -8.98 -10.72 -10.39
CA SER B 125 -8.49 -11.97 -9.89
C SER B 125 -7.09 -11.74 -9.35
N GLY B 126 -6.65 -12.66 -8.51
CA GLY B 126 -5.31 -12.61 -8.02
C GLY B 126 -4.82 -13.97 -7.59
N GLU B 127 -3.52 -14.01 -7.37
CA GLU B 127 -2.88 -15.14 -6.79
C GLU B 127 -1.64 -14.81 -5.96
N MET B 128 -1.31 -15.68 -4.99
CA MET B 128 -0.04 -15.54 -4.23
C MET B 128 0.57 -16.85 -3.83
N GLU B 129 1.86 -16.78 -3.54
CA GLU B 129 2.64 -17.94 -3.14
C GLU B 129 3.56 -17.61 -2.01
N PHE B 130 3.59 -18.50 -1.01
CA PHE B 130 4.68 -18.50 -0.01
C PHE B 130 5.90 -19.18 -0.61
N GLN B 131 6.94 -18.43 -0.89
CA GLN B 131 8.16 -18.96 -1.47
C GLN B 131 9.18 -19.46 -0.46
N SER B 132 9.25 -18.88 0.74
CA SER B 132 10.10 -19.42 1.78
C SER B 132 9.62 -18.91 3.11
N VAL B 133 9.77 -19.79 4.09
CA VAL B 133 9.53 -19.47 5.45
C VAL B 133 10.75 -19.93 6.25
N THR B 134 11.34 -19.05 7.03
CA THR B 134 12.57 -19.38 7.76
C THR B 134 12.44 -18.93 9.21
N ARG B 135 12.65 -19.87 10.14
CA ARG B 135 12.54 -19.57 11.57
C ARG B 135 13.82 -18.97 12.18
N ARG B 136 13.68 -17.94 12.99
CA ARG B 136 14.80 -17.37 13.70
C ARG B 136 14.51 -17.27 15.21
N ALA B 137 15.49 -17.71 16.01
CA ALA B 137 15.36 -17.76 17.46
C ALA B 137 16.67 -17.37 18.15
N PRO B 138 17.08 -16.10 18.00
CA PRO B 138 18.38 -15.63 18.53
C PRO B 138 18.56 -15.90 20.04
N ALA B 139 19.72 -16.38 20.48
CA ALA B 139 19.96 -16.57 21.94
C ALA B 139 19.55 -15.30 22.70
N GLY B 140 18.52 -15.45 23.53
CA GLY B 140 18.03 -14.37 24.36
C GLY B 140 16.65 -13.86 24.02
N PRO B 143 12.53 -13.51 18.43
CA PRO B 143 12.16 -14.88 17.91
C PRO B 143 10.97 -14.79 16.92
N PHE B 144 11.14 -15.22 15.67
CA PHE B 144 10.20 -14.88 14.58
C PHE B 144 10.35 -15.75 13.34
N LEU B 145 9.33 -15.73 12.47
CA LEU B 145 9.42 -16.30 11.13
C LEU B 145 9.61 -15.21 10.10
N HIS B 146 10.45 -15.50 9.15
CA HIS B 146 10.80 -14.61 8.07
C HIS B 146 10.22 -15.28 6.87
N ALA B 147 9.42 -14.57 6.07
CA ALA B 147 8.81 -15.16 4.90
C ALA B 147 8.87 -14.31 3.65
N GLU B 148 9.08 -14.96 2.52
CA GLU B 148 9.15 -14.33 1.23
C GLU B 148 7.96 -14.80 0.43
N THR B 149 7.25 -13.87 -0.19
CA THR B 149 6.01 -14.15 -0.96
C THR B 149 5.99 -13.37 -2.30
N ALA B 150 5.20 -13.86 -3.24
CA ALA B 150 4.98 -13.15 -4.48
C ALA B 150 3.52 -13.22 -4.86
N TYR B 151 3.01 -12.18 -5.54
CA TYR B 151 1.61 -12.19 -5.91
C TYR B 151 1.47 -11.56 -7.28
N ARG B 152 0.29 -11.72 -7.88
CA ARG B 152 -0.07 -10.98 -9.08
C ARG B 152 -1.56 -10.86 -9.14
N TYR B 153 -2.00 -9.88 -9.91
CA TYR B 153 -3.39 -9.58 -10.08
C TYR B 153 -3.64 -9.42 -11.57
N TRP B 154 -4.84 -9.75 -12.02
CA TRP B 154 -5.21 -9.48 -13.42
C TRP B 154 -6.73 -9.35 -13.47
N ASP B 155 -7.25 -8.87 -14.58
CA ASP B 155 -8.69 -8.84 -14.75
C ASP B 155 -9.09 -9.57 -16.03
N ALA B 156 -10.36 -9.44 -16.41
CA ALA B 156 -10.90 -10.08 -17.60
C ALA B 156 -10.46 -9.43 -18.88
N ASP B 157 -9.86 -8.25 -18.85
CA ASP B 157 -9.37 -7.59 -20.06
C ASP B 157 -7.88 -7.77 -20.07
N SER B 158 -7.11 -6.68 -20.00
CA SER B 158 -5.65 -6.78 -20.02
C SER B 158 -5.00 -6.17 -18.80
N GLY B 159 -5.75 -5.92 -17.72
CA GLY B 159 -5.13 -5.38 -16.53
C GLY B 159 -4.15 -6.35 -15.92
N ARG B 160 -3.03 -5.85 -15.39
CA ARG B 160 -2.09 -6.74 -14.78
C ARG B 160 -1.15 -5.98 -13.84
N CYS B 161 -0.90 -6.55 -12.66
CA CYS B 161 -0.01 -6.01 -11.64
C CYS B 161 0.69 -7.17 -10.95
N ASP B 162 1.98 -7.05 -10.62
CA ASP B 162 2.63 -8.04 -9.83
C ASP B 162 3.55 -7.44 -8.85
N GLY B 163 4.00 -8.30 -7.94
CA GLY B 163 4.78 -7.85 -6.83
C GLY B 163 5.29 -8.86 -5.84
N GLU B 164 5.88 -8.33 -4.78
CA GLU B 164 6.46 -9.14 -3.70
C GLU B 164 6.24 -8.50 -2.35
N ALA B 165 6.21 -9.36 -1.33
CA ALA B 165 6.14 -8.94 0.02
C ALA B 165 6.94 -9.88 0.91
N VAL B 166 7.73 -9.26 1.77
CA VAL B 166 8.51 -9.95 2.77
C VAL B 166 7.81 -9.67 4.09
N LEU B 167 7.52 -10.74 4.83
CA LEU B 167 6.71 -10.71 6.05
C LEU B 167 7.57 -11.10 7.26
N ALA B 168 7.17 -10.66 8.44
CA ALA B 168 7.69 -11.17 9.67
C ALA B 168 6.53 -11.53 10.59
N PHE B 169 6.61 -12.75 11.13
CA PHE B 169 5.64 -13.25 12.11
C PHE B 169 6.41 -13.34 13.41
N VAL B 170 6.08 -12.44 14.33
CA VAL B 170 6.84 -12.23 15.56
C VAL B 170 6.03 -12.79 16.74
N ASN B 171 6.73 -13.06 17.84
CA ASN B 171 6.16 -13.75 19.04
C ASN B 171 5.64 -15.11 18.87
N ILE B 172 6.23 -15.89 17.98
CA ILE B 172 5.59 -17.09 17.43
C ILE B 172 5.48 -18.29 18.40
OAC 7UC C . 2.00 -3.35 7.14
CAJ 7UC C . 0.98 -3.91 7.00
OAE 7UC C . 0.12 -3.67 6.10
CAG 7UC C . 0.81 -5.06 7.98
CAK 7UC C . -0.56 -5.79 7.64
CAA 7UC C . -0.49 -7.33 7.68
N 7UC C . -1.52 -5.37 8.59
CA 7UC C . -2.89 -5.79 8.12
C 7UC C . -3.42 -4.69 7.24
OXT 7UC C . -2.85 -3.59 7.30
O 7UC C . -4.32 -5.01 6.43
OAC 7UC D . -2.44 4.65 -5.83
CAJ 7UC D . -2.40 4.65 -7.07
OAE 7UC D . -2.23 3.66 -7.71
CAG 7UC D . -2.49 5.95 -7.82
CAK 7UC D . -2.78 7.16 -6.82
CAA 7UC D . -2.17 8.51 -7.29
N 7UC D . -4.21 7.24 -6.80
CA 7UC D . -4.64 8.19 -5.65
C 7UC D . -4.84 7.35 -4.37
OXT 7UC D . -4.63 7.85 -3.24
O 7UC D . -5.04 6.15 -4.57
#